data_5DWE
#
_entry.id   5DWE
#
_cell.length_a   54.767
_cell.length_b   82.038
_cell.length_c   58.456
_cell.angle_alpha   90.000
_cell.angle_beta   110.690
_cell.angle_gamma   90.000
#
_symmetry.space_group_name_H-M   'P 1 21 1'
#
loop_
_entity.id
_entity.type
_entity.pdbx_description
1 polymer 'Estrogen receptor'
2 polymer 'Nuclear receptor coactivator 2'
3 non-polymer "4,4'-[(2-chlorophenyl)carbonimidoyl]diphenol"
4 water water
#
loop_
_entity_poly.entity_id
_entity_poly.type
_entity_poly.pdbx_seq_one_letter_code
_entity_poly.pdbx_strand_id
1 'polypeptide(L)'
;IKRSKKNSLALSLTADQMVSALLDAEPPILYSEYDPTRPFSEASMMGLLTNLADRELVHMINWAKRVPGFVDLTLHDQVH
LLECAWLEILMIGLVWRSMEHPGKLLFAPNLLLDRNQGKCVEGMVEIFDMLLATSSRFRMMNLQGEEFVCLKSIILLNSG
VYTFLSSTLKSLEEKDHIHRVLDKITDTLIHLMAKAGLTLQQQHQRLAQLLLILSHIRHMSNKGMEHLYSMKCKNVVPLS
DLLLEMLDAHRLHAPTS
;
A,B
2 'polypeptide(L)' KHKILHRLLQDSSS C,D
#
loop_
_chem_comp.id
_chem_comp.type
_chem_comp.name
_chem_comp.formula
5G5 non-polymer 4,4'-[(2-chlorophenyl)carbonimidoyl]diphenol 'C19 H14 Cl N O2'
#
# COMPACT_ATOMS: atom_id res chain seq x y z
N SER A 8 -14.66 1.71 25.13
CA SER A 8 -13.34 1.15 24.84
C SER A 8 -12.21 2.00 25.39
N LEU A 9 -11.34 1.37 26.17
CA LEU A 9 -10.25 2.03 26.89
C LEU A 9 -9.29 2.84 26.03
N ALA A 10 -9.19 2.46 24.75
CA ALA A 10 -8.15 2.99 23.87
C ALA A 10 -8.29 4.48 23.65
N LEU A 11 -9.54 4.94 23.63
CA LEU A 11 -9.81 6.32 23.26
C LEU A 11 -9.58 7.29 24.42
N SER A 12 -9.45 6.75 25.64
CA SER A 12 -9.26 7.59 26.82
C SER A 12 -7.79 7.85 27.13
N LEU A 13 -6.90 7.18 26.42
CA LEU A 13 -5.47 7.40 26.59
C LEU A 13 -5.05 8.77 26.07
N THR A 14 -4.22 9.48 26.83
CA THR A 14 -3.46 10.58 26.26
C THR A 14 -2.56 10.02 25.20
N ALA A 15 -1.86 10.88 24.49
CA ALA A 15 -0.93 10.38 23.51
C ALA A 15 0.40 9.99 24.18
N ASP A 16 0.76 10.61 25.30
CA ASP A 16 1.94 10.16 26.02
C ASP A 16 1.68 8.76 26.58
N GLN A 17 0.46 8.52 27.06
CA GLN A 17 0.05 7.22 27.55
C GLN A 17 -0.02 6.17 26.44
N MET A 18 -0.26 6.63 25.21
CA MET A 18 -0.34 5.74 24.06
C MET A 18 1.05 5.25 23.67
N VAL A 19 1.99 6.19 23.60
CA VAL A 19 3.37 5.88 23.28
C VAL A 19 3.94 4.84 24.23
N SER A 20 3.62 4.97 25.51
CA SER A 20 4.16 4.08 26.53
C SER A 20 3.60 2.67 26.42
N ALA A 21 2.30 2.54 26.18
CA ALA A 21 1.69 1.22 26.02
C ALA A 21 2.28 0.51 24.81
N LEU A 22 2.55 1.26 23.75
CA LEU A 22 3.12 0.71 22.53
C LEU A 22 4.59 0.36 22.68
N LEU A 23 5.36 1.27 23.26
CA LEU A 23 6.79 1.03 23.53
C LEU A 23 6.95 -0.19 24.41
N ASP A 24 5.95 -0.43 25.26
CA ASP A 24 6.01 -1.50 26.24
C ASP A 24 5.49 -2.83 25.69
N ALA A 25 4.64 -2.75 24.66
CA ALA A 25 4.09 -3.95 24.04
C ALA A 25 5.10 -4.61 23.10
N GLU A 26 6.17 -3.88 22.80
CA GLU A 26 7.15 -4.32 21.81
C GLU A 26 7.61 -5.76 22.02
N PRO A 27 7.57 -6.57 20.95
CA PRO A 27 8.05 -7.94 20.98
C PRO A 27 9.57 -7.96 21.08
N PRO A 28 10.13 -9.04 21.62
CA PRO A 28 11.58 -9.10 21.73
C PRO A 28 12.26 -9.38 20.39
N ILE A 29 13.56 -9.19 20.33
CA ILE A 29 14.32 -9.47 19.12
C ILE A 29 14.87 -10.88 19.18
N LEU A 30 14.33 -11.75 18.32
CA LEU A 30 14.68 -13.17 18.35
C LEU A 30 15.96 -13.45 17.58
N TYR A 31 16.66 -14.52 17.96
CA TYR A 31 17.86 -14.95 17.25
C TYR A 31 17.55 -16.05 16.25
N SER A 32 18.47 -16.25 15.32
CA SER A 32 18.43 -17.40 14.44
C SER A 32 19.29 -18.52 15.03
N GLU A 33 19.30 -19.69 14.40
CA GLU A 33 20.18 -20.77 14.82
C GLU A 33 21.62 -20.31 14.81
N TYR A 34 22.41 -20.76 15.77
CA TYR A 34 23.82 -20.44 15.74
C TYR A 34 24.50 -21.37 14.73
N ASP A 35 25.82 -21.29 14.67
CA ASP A 35 26.68 -21.92 13.66
C ASP A 35 26.57 -21.18 12.33
N PRO A 36 27.71 -20.73 11.78
CA PRO A 36 27.67 -20.19 10.42
C PRO A 36 27.23 -21.28 9.46
N PRO A 39 28.44 -19.64 4.28
CA PRO A 39 27.74 -19.45 3.01
C PRO A 39 26.39 -20.15 2.96
N PHE A 40 25.42 -19.48 2.34
CA PHE A 40 24.05 -19.94 2.31
C PHE A 40 23.61 -20.47 0.97
N SER A 41 22.69 -21.42 1.03
CA SER A 41 22.00 -21.93 -0.15
C SER A 41 20.52 -21.65 0.02
N GLU A 42 19.87 -21.27 -1.08
CA GLU A 42 18.41 -21.10 -1.15
C GLU A 42 17.64 -21.69 0.02
N ALA A 43 17.76 -23.00 0.19
CA ALA A 43 16.94 -23.76 1.14
C ALA A 43 17.40 -23.66 2.60
N SER A 44 18.70 -23.51 2.83
CA SER A 44 19.15 -23.29 4.19
C SER A 44 18.76 -21.86 4.60
N MET A 45 18.81 -20.93 3.65
CA MET A 45 18.39 -19.57 3.97
C MET A 45 16.90 -19.47 4.24
N MET A 46 16.08 -20.06 3.38
CA MET A 46 14.64 -19.98 3.53
C MET A 46 14.18 -20.77 4.75
N GLY A 47 14.96 -21.77 5.15
CA GLY A 47 14.69 -22.50 6.37
C GLY A 47 14.85 -21.59 7.57
N LEU A 48 16.00 -20.95 7.67
CA LEU A 48 16.29 -20.02 8.76
C LEU A 48 15.23 -18.94 8.90
N LEU A 49 14.83 -18.34 7.79
CA LEU A 49 13.87 -17.25 7.83
C LEU A 49 12.48 -17.75 8.22
N THR A 50 12.13 -18.92 7.70
CA THR A 50 10.80 -19.48 7.93
C THR A 50 10.65 -19.89 9.40
N ASN A 51 11.70 -20.50 9.94
CA ASN A 51 11.75 -20.84 11.35
C ASN A 51 11.65 -19.58 12.21
N LEU A 52 12.40 -18.56 11.85
CA LEU A 52 12.39 -17.30 12.58
C LEU A 52 11.01 -16.64 12.53
N ALA A 53 10.44 -16.56 11.32
CA ALA A 53 9.13 -15.96 11.13
C ALA A 53 8.08 -16.64 11.98
N ASP A 54 8.15 -17.96 12.00
CA ASP A 54 7.23 -18.80 12.75
C ASP A 54 7.27 -18.48 14.25
N ARG A 55 8.47 -18.36 14.79
CA ARG A 55 8.64 -18.04 16.20
C ARG A 55 8.25 -16.59 16.49
N GLU A 56 8.55 -15.69 15.56
CA GLU A 56 8.17 -14.28 15.68
C GLU A 56 6.64 -14.08 15.70
N LEU A 57 5.92 -14.95 15.00
CA LEU A 57 4.47 -14.82 14.89
C LEU A 57 3.78 -15.00 16.24
N VAL A 58 4.32 -15.90 17.05
CA VAL A 58 3.81 -16.17 18.38
C VAL A 58 3.88 -14.91 19.25
N HIS A 59 5.00 -14.20 19.17
CA HIS A 59 5.15 -12.92 19.89
C HIS A 59 4.32 -11.79 19.29
N MET A 60 4.10 -11.85 17.97
CA MET A 60 3.35 -10.80 17.31
C MET A 60 1.91 -10.79 17.81
N ILE A 61 1.33 -11.98 17.89
CA ILE A 61 -0.02 -12.15 18.43
C ILE A 61 -0.15 -11.58 19.84
N ASN A 62 0.86 -11.82 20.67
CA ASN A 62 0.91 -11.25 22.01
C ASN A 62 1.01 -9.75 22.00
N TRP A 63 1.76 -9.25 21.03
CA TRP A 63 1.91 -7.82 20.87
C TRP A 63 0.58 -7.22 20.41
N ALA A 64 -0.08 -7.90 19.48
CA ALA A 64 -1.34 -7.41 18.92
C ALA A 64 -2.40 -7.28 20.01
N LYS A 65 -2.48 -8.27 20.91
CA LYS A 65 -3.43 -8.25 22.00
C LYS A 65 -3.21 -7.05 22.94
N ARG A 66 -2.04 -6.42 22.81
CA ARG A 66 -1.67 -5.31 23.69
C ARG A 66 -1.63 -3.96 23.00
N VAL A 67 -2.02 -3.94 21.72
CA VAL A 67 -2.22 -2.70 21.02
C VAL A 67 -3.60 -2.19 21.43
N PRO A 68 -3.66 -0.97 22.02
CA PRO A 68 -4.90 -0.48 22.64
C PRO A 68 -6.05 -0.56 21.65
N GLY A 69 -7.19 -1.08 22.09
CA GLY A 69 -8.34 -1.21 21.22
C GLY A 69 -8.37 -2.49 20.39
N PHE A 70 -7.29 -3.25 20.38
CA PHE A 70 -7.28 -4.48 19.59
C PHE A 70 -8.09 -5.58 20.28
N VAL A 71 -8.03 -5.65 21.61
CA VAL A 71 -8.76 -6.71 22.31
C VAL A 71 -10.26 -6.39 22.35
N ASP A 72 -10.61 -5.14 22.09
CA ASP A 72 -12.03 -4.76 22.06
C ASP A 72 -12.74 -5.30 20.82
N LEU A 73 -11.99 -5.97 19.95
CA LEU A 73 -12.55 -6.52 18.71
C LEU A 73 -12.99 -7.96 18.86
N THR A 74 -13.98 -8.36 18.07
CA THR A 74 -14.40 -9.76 18.02
C THR A 74 -13.20 -10.64 17.68
N LEU A 75 -13.21 -11.87 18.18
CA LEU A 75 -12.14 -12.82 17.90
C LEU A 75 -11.89 -12.90 16.41
N HIS A 76 -12.97 -13.00 15.65
CA HIS A 76 -12.90 -13.11 14.20
C HIS A 76 -12.18 -11.93 13.55
N ASP A 77 -12.56 -10.72 13.94
CA ASP A 77 -11.96 -9.52 13.35
C ASP A 77 -10.48 -9.39 13.74
N GLN A 78 -10.14 -9.81 14.95
CA GLN A 78 -8.73 -9.85 15.34
C GLN A 78 -7.97 -10.77 14.41
N VAL A 79 -8.57 -11.93 14.16
CA VAL A 79 -8.00 -12.93 13.28
C VAL A 79 -7.82 -12.36 11.87
N HIS A 80 -8.84 -11.67 11.37
CA HIS A 80 -8.79 -11.10 10.02
C HIS A 80 -7.62 -10.14 9.89
N LEU A 81 -7.47 -9.23 10.85
CA LEU A 81 -6.42 -8.21 10.80
C LEU A 81 -5.00 -8.80 10.80
N LEU A 82 -4.77 -9.80 11.64
CA LEU A 82 -3.43 -10.39 11.73
C LEU A 82 -3.12 -11.18 10.46
N GLU A 83 -4.12 -11.89 9.96
CA GLU A 83 -3.99 -12.67 8.73
C GLU A 83 -3.65 -11.76 7.54
N CYS A 84 -4.27 -10.60 7.47
CA CYS A 84 -3.99 -9.65 6.39
C CYS A 84 -2.62 -9.00 6.57
N ALA A 85 -2.25 -8.69 7.81
CA ALA A 85 -1.13 -7.78 8.06
C ALA A 85 0.19 -8.42 8.52
N TRP A 86 0.19 -9.72 8.80
CA TRP A 86 1.34 -10.29 9.52
C TRP A 86 2.69 -10.12 8.81
N LEU A 87 2.72 -10.23 7.49
CA LEU A 87 3.98 -10.11 6.77
C LEU A 87 4.41 -8.64 6.69
N GLU A 88 3.44 -7.75 6.52
CA GLU A 88 3.72 -6.31 6.60
C GLU A 88 4.41 -6.00 7.91
N ILE A 89 3.86 -6.57 8.98
CA ILE A 89 4.34 -6.31 10.33
C ILE A 89 5.72 -6.91 10.58
N LEU A 90 5.98 -8.12 10.07
CA LEU A 90 7.32 -8.70 10.13
C LEU A 90 8.30 -7.85 9.35
N MET A 91 7.88 -7.43 8.15
CA MET A 91 8.75 -6.67 7.27
C MET A 91 9.09 -5.30 7.81
N ILE A 92 8.12 -4.57 8.37
CA ILE A 92 8.44 -3.25 8.91
C ILE A 92 9.34 -3.38 10.14
N GLY A 93 9.21 -4.49 10.86
CA GLY A 93 10.09 -4.76 11.99
C GLY A 93 11.51 -4.94 11.49
N LEU A 94 11.64 -5.77 10.45
CA LEU A 94 12.91 -6.00 9.79
C LEU A 94 13.61 -4.73 9.29
N VAL A 95 12.90 -3.84 8.60
CA VAL A 95 13.55 -2.65 8.07
C VAL A 95 13.89 -1.69 9.23
N TRP A 96 13.10 -1.73 10.29
CA TRP A 96 13.42 -0.94 11.48
C TRP A 96 14.70 -1.44 12.15
N ARG A 97 14.88 -2.75 12.23
CA ARG A 97 16.09 -3.32 12.82
C ARG A 97 17.30 -3.07 11.93
N SER A 98 17.05 -2.99 10.63
CA SER A 98 18.12 -2.90 9.64
C SER A 98 18.61 -1.47 9.44
N MET A 99 17.95 -0.53 10.09
CA MET A 99 18.25 0.90 9.92
C MET A 99 19.70 1.25 10.15
N GLU A 100 20.25 0.75 11.25
CA GLU A 100 21.61 1.11 11.64
C GLU A 100 22.64 0.28 10.87
N HIS A 101 22.16 -0.56 9.97
CA HIS A 101 23.04 -1.38 9.15
C HIS A 101 22.83 -1.12 7.67
N PRO A 102 23.22 0.08 7.21
CA PRO A 102 22.99 0.45 5.82
C PRO A 102 23.62 -0.59 4.91
N GLY A 103 22.84 -1.11 3.96
CA GLY A 103 23.35 -2.12 3.04
C GLY A 103 22.98 -3.54 3.42
N LYS A 104 22.55 -3.75 4.66
CA LYS A 104 22.24 -5.10 5.12
C LYS A 104 20.85 -5.23 5.74
N LEU A 105 20.33 -6.45 5.73
CA LEU A 105 19.06 -6.76 6.38
C LEU A 105 19.30 -7.57 7.67
N LEU A 106 18.96 -6.98 8.81
CA LEU A 106 19.18 -7.65 10.09
C LEU A 106 17.94 -8.46 10.45
N PHE A 107 17.87 -9.67 9.93
CA PHE A 107 16.75 -10.55 10.22
C PHE A 107 16.75 -10.94 11.69
N ALA A 108 17.95 -11.22 12.21
CA ALA A 108 18.19 -11.50 13.63
C ALA A 108 19.60 -11.04 13.94
N PRO A 109 19.92 -10.74 15.22
CA PRO A 109 21.27 -10.22 15.51
C PRO A 109 22.42 -11.09 14.98
N ASN A 110 22.19 -12.40 14.88
CA ASN A 110 23.19 -13.30 14.34
C ASN A 110 22.83 -13.74 12.94
N LEU A 111 22.00 -12.94 12.28
CA LEU A 111 21.56 -13.25 10.93
C LEU A 111 21.38 -11.96 10.15
N LEU A 112 22.49 -11.41 9.70
CA LEU A 112 22.54 -10.11 9.08
C LEU A 112 22.98 -10.29 7.63
N LEU A 113 22.03 -10.17 6.71
CA LEU A 113 22.25 -10.56 5.32
C LEU A 113 22.32 -9.40 4.34
N ASP A 114 23.01 -9.59 3.22
CA ASP A 114 23.03 -8.59 2.17
C ASP A 114 22.49 -9.10 0.83
N ARG A 115 22.52 -8.23 -0.17
CA ARG A 115 21.92 -8.47 -1.48
C ARG A 115 22.40 -9.72 -2.18
N ASN A 116 23.72 -9.93 -2.20
CA ASN A 116 24.33 -11.07 -2.89
C ASN A 116 23.89 -12.41 -2.35
N GLN A 117 23.33 -12.39 -1.16
CA GLN A 117 23.03 -13.61 -0.46
C GLN A 117 21.67 -14.16 -0.86
N GLY A 118 20.69 -13.27 -0.92
CA GLY A 118 19.36 -13.68 -1.34
C GLY A 118 19.25 -13.77 -2.85
N LYS A 119 20.39 -13.68 -3.53
CA LYS A 119 20.43 -13.80 -4.97
C LYS A 119 20.48 -15.29 -5.34
N CYS A 120 20.81 -16.09 -4.34
CA CYS A 120 20.84 -17.54 -4.50
C CYS A 120 19.46 -18.12 -4.15
N VAL A 121 18.44 -17.26 -4.19
CA VAL A 121 17.06 -17.70 -4.35
C VAL A 121 16.40 -16.87 -5.45
N GLU A 122 15.72 -17.53 -6.37
CA GLU A 122 15.00 -16.87 -7.44
C GLU A 122 13.95 -15.87 -6.91
N GLY A 123 14.04 -14.63 -7.37
CA GLY A 123 13.04 -13.62 -7.06
C GLY A 123 13.20 -12.97 -5.71
N MET A 124 14.27 -13.32 -5.01
CA MET A 124 14.48 -12.85 -3.66
C MET A 124 15.17 -11.49 -3.62
N VAL A 125 16.03 -11.26 -4.60
CA VAL A 125 16.82 -10.04 -4.62
C VAL A 125 15.92 -8.84 -4.91
N GLU A 126 14.83 -9.06 -5.63
CA GLU A 126 13.83 -8.02 -5.85
C GLU A 126 13.29 -7.52 -4.52
N ILE A 127 12.91 -8.47 -3.66
CA ILE A 127 12.35 -8.16 -2.36
C ILE A 127 13.41 -7.62 -1.41
N PHE A 128 14.61 -8.20 -1.46
CA PHE A 128 15.74 -7.68 -0.69
C PHE A 128 15.97 -6.21 -1.01
N ASP A 129 16.01 -5.86 -2.28
CA ASP A 129 16.28 -4.49 -2.69
C ASP A 129 15.19 -3.53 -2.20
N MET A 130 13.94 -3.95 -2.26
CA MET A 130 12.82 -3.15 -1.79
C MET A 130 12.90 -2.90 -0.29
N LEU A 131 13.22 -3.95 0.46
CA LEU A 131 13.34 -3.86 1.90
C LEU A 131 14.49 -2.94 2.29
N LEU A 132 15.61 -3.06 1.58
CA LEU A 132 16.78 -2.22 1.81
C LEU A 132 16.49 -0.76 1.47
N ALA A 133 15.73 -0.53 0.41
CA ALA A 133 15.35 0.83 0.04
C ALA A 133 14.49 1.45 1.13
N THR A 134 13.53 0.68 1.64
CA THR A 134 12.67 1.15 2.72
C THR A 134 13.51 1.50 3.95
N SER A 135 14.53 0.69 4.20
CA SER A 135 15.42 0.92 5.33
C SER A 135 16.19 2.24 5.18
N SER A 136 16.72 2.49 3.98
CA SER A 136 17.39 3.75 3.70
C SER A 136 16.49 4.94 4.00
N ARG A 137 15.27 4.89 3.48
CA ARG A 137 14.31 5.98 3.62
C ARG A 137 14.01 6.23 5.11
N PHE A 138 13.87 5.16 5.88
CA PHE A 138 13.69 5.30 7.33
C PHE A 138 14.84 6.06 7.96
N ARG A 139 16.04 5.63 7.61
CA ARG A 139 17.27 6.21 8.10
C ARG A 139 17.41 7.67 7.66
N MET A 140 17.10 7.96 6.40
CA MET A 140 17.16 9.33 5.93
C MET A 140 16.10 10.21 6.61
N MET A 141 14.97 9.63 6.95
CA MET A 141 13.92 10.36 7.66
C MET A 141 14.21 10.48 9.15
N ASN A 142 15.25 9.79 9.61
CA ASN A 142 15.57 9.68 11.03
C ASN A 142 14.39 9.20 11.83
N LEU A 143 13.72 8.16 11.34
CA LEU A 143 12.57 7.55 11.98
C LEU A 143 12.87 7.24 13.44
N GLN A 144 11.95 7.62 14.34
CA GLN A 144 12.16 7.37 15.76
C GLN A 144 11.36 6.16 16.23
N GLY A 145 11.88 5.46 17.24
CA GLY A 145 11.25 4.28 17.79
C GLY A 145 9.80 4.52 18.18
N GLU A 146 9.57 5.68 18.78
CA GLU A 146 8.23 6.14 19.10
C GLU A 146 7.33 6.22 17.86
N GLU A 147 7.87 6.79 16.79
CA GLU A 147 7.12 6.88 15.52
C GLU A 147 6.92 5.49 14.93
N PHE A 148 7.98 4.70 14.98
CA PHE A 148 7.97 3.34 14.45
C PHE A 148 6.82 2.51 15.03
N VAL A 149 6.70 2.47 16.35
CA VAL A 149 5.68 1.64 16.96
C VAL A 149 4.28 2.15 16.60
N CYS A 150 4.15 3.45 16.39
CA CYS A 150 2.87 3.98 15.93
C CYS A 150 2.53 3.46 14.54
N LEU A 151 3.55 3.45 13.66
CA LEU A 151 3.37 2.98 12.29
C LEU A 151 2.95 1.51 12.25
N LYS A 152 3.61 0.69 13.05
CA LYS A 152 3.35 -0.73 13.07
C LYS A 152 1.93 -1.04 13.54
N SER A 153 1.47 -0.28 14.53
CA SER A 153 0.08 -0.37 14.99
C SER A 153 -0.91 0.05 13.92
N ILE A 154 -0.55 1.06 13.14
CA ILE A 154 -1.43 1.51 12.07
C ILE A 154 -1.61 0.39 11.06
N ILE A 155 -0.50 -0.24 10.68
CA ILE A 155 -0.56 -1.38 9.78
C ILE A 155 -1.50 -2.47 10.29
N LEU A 156 -1.36 -2.83 11.56
CA LEU A 156 -2.19 -3.87 12.15
C LEU A 156 -3.69 -3.55 12.00
N LEU A 157 -4.05 -2.32 12.33
CA LEU A 157 -5.45 -1.93 12.34
C LEU A 157 -5.98 -1.56 10.95
N ASN A 158 -5.10 -1.04 10.09
CA ASN A 158 -5.56 -0.51 8.81
C ASN A 158 -5.63 -1.50 7.68
N SER A 159 -4.61 -2.34 7.54
CA SER A 159 -4.45 -3.14 6.32
C SER A 159 -5.65 -4.04 6.01
N GLY A 160 -6.30 -4.54 7.04
CA GLY A 160 -7.45 -5.41 6.84
C GLY A 160 -8.82 -4.77 7.01
N VAL A 161 -8.85 -3.49 7.35
CA VAL A 161 -10.12 -2.86 7.73
C VAL A 161 -11.12 -2.76 6.57
N TYR A 162 -10.64 -2.61 5.32
CA TYR A 162 -11.57 -2.42 4.21
C TYR A 162 -12.00 -3.72 3.57
N THR A 163 -11.62 -4.84 4.19
CA THR A 163 -12.09 -6.12 3.72
C THR A 163 -12.96 -6.75 4.81
N PHE A 164 -13.49 -5.89 5.67
CA PHE A 164 -14.49 -6.29 6.66
C PHE A 164 -15.88 -6.29 6.04
N LYS A 175 -16.04 -1.15 12.56
CA LYS A 175 -15.07 -0.46 11.74
C LYS A 175 -14.88 0.98 12.23
N ASP A 176 -15.94 1.52 12.85
CA ASP A 176 -15.90 2.86 13.41
C ASP A 176 -14.89 2.93 14.55
N HIS A 177 -14.98 1.95 15.45
CA HIS A 177 -14.03 1.80 16.55
C HIS A 177 -12.59 1.79 16.02
N ILE A 178 -12.32 0.90 15.07
CA ILE A 178 -11.01 0.81 14.45
C ILE A 178 -10.54 2.14 13.87
N HIS A 179 -11.43 2.80 13.13
CA HIS A 179 -11.10 4.10 12.55
C HIS A 179 -10.89 5.15 13.64
N ARG A 180 -11.65 5.04 14.73
CA ARG A 180 -11.43 5.92 15.87
C ARG A 180 -10.09 5.62 16.53
N VAL A 181 -9.68 4.36 16.54
CA VAL A 181 -8.39 4.05 17.12
C VAL A 181 -7.29 4.55 16.18
N LEU A 182 -7.49 4.37 14.88
CA LEU A 182 -6.57 4.89 13.87
C LEU A 182 -6.36 6.39 14.03
N ASP A 183 -7.45 7.11 14.28
CA ASP A 183 -7.40 8.55 14.53
C ASP A 183 -6.53 8.89 15.74
N LYS A 184 -6.77 8.17 16.83
CA LYS A 184 -6.00 8.37 18.05
C LYS A 184 -4.51 8.25 17.82
N ILE A 185 -4.12 7.27 17.02
CA ILE A 185 -2.70 7.07 16.71
C ILE A 185 -2.16 8.20 15.85
N THR A 186 -2.99 8.73 14.94
CA THR A 186 -2.59 9.90 14.16
C THR A 186 -2.29 11.09 15.08
N ASP A 187 -3.20 11.34 16.02
CA ASP A 187 -2.99 12.37 17.04
C ASP A 187 -1.65 12.17 17.75
N THR A 188 -1.38 10.91 18.08
CA THR A 188 -0.19 10.54 18.84
C THR A 188 1.07 10.77 18.04
N LEU A 189 1.05 10.31 16.79
CA LEU A 189 2.17 10.54 15.88
C LEU A 189 2.48 12.02 15.84
N ILE A 190 1.45 12.82 15.57
CA ILE A 190 1.57 14.27 15.53
C ILE A 190 2.11 14.85 16.85
N HIS A 191 1.58 14.33 17.96
CA HIS A 191 2.05 14.68 19.29
C HIS A 191 3.57 14.52 19.42
N LEU A 192 4.10 13.43 18.87
CA LEU A 192 5.54 13.17 18.95
C LEU A 192 6.31 14.19 18.11
N MET A 193 5.69 14.65 17.02
CA MET A 193 6.32 15.57 16.10
C MET A 193 6.37 16.99 16.66
N ALA A 194 5.30 17.37 17.35
CA ALA A 194 5.26 18.67 18.01
C ALA A 194 6.31 18.75 19.11
N LYS A 195 6.63 17.60 19.71
CA LYS A 195 7.66 17.55 20.75
C LYS A 195 9.05 17.79 20.19
N ALA A 196 9.40 17.06 19.13
CA ALA A 196 10.71 17.22 18.49
C ALA A 196 10.93 18.62 17.90
N GLY A 197 9.96 19.51 18.11
CA GLY A 197 10.13 20.91 17.75
C GLY A 197 9.74 21.25 16.32
N LEU A 198 9.03 20.33 15.68
CA LEU A 198 8.64 20.51 14.28
C LEU A 198 7.60 21.62 14.13
N THR A 199 7.76 22.44 13.10
CA THR A 199 6.75 23.46 12.81
C THR A 199 5.48 22.76 12.36
N LEU A 200 4.39 23.51 12.18
CA LEU A 200 3.13 22.91 11.80
C LEU A 200 3.19 22.29 10.42
N GLN A 201 3.84 23.00 9.49
CA GLN A 201 4.01 22.50 8.13
C GLN A 201 4.90 21.26 8.12
N GLN A 202 5.96 21.30 8.92
CA GLN A 202 6.87 20.17 9.03
C GLN A 202 6.14 18.94 9.56
N GLN A 203 5.21 19.16 10.48
CA GLN A 203 4.41 18.10 11.06
C GLN A 203 3.59 17.33 10.03
N HIS A 204 2.80 18.02 9.20
CA HIS A 204 1.94 17.28 8.27
C HIS A 204 2.75 16.77 7.08
N GLN A 205 3.87 17.39 6.78
CA GLN A 205 4.75 16.86 5.74
C GLN A 205 5.41 15.56 6.19
N ARG A 206 5.86 15.49 7.45
CA ARG A 206 6.45 14.24 7.92
C ARG A 206 5.37 13.18 8.19
N LEU A 207 4.19 13.60 8.65
CA LEU A 207 3.09 12.64 8.81
C LEU A 207 2.78 11.93 7.51
N ALA A 208 2.63 12.71 6.44
CA ALA A 208 2.36 12.18 5.11
C ALA A 208 3.49 11.31 4.60
N GLN A 209 4.72 11.78 4.77
CA GLN A 209 5.91 11.03 4.35
C GLN A 209 5.94 9.65 4.99
N LEU A 210 5.68 9.59 6.30
CA LEU A 210 5.64 8.32 7.01
C LEU A 210 4.56 7.40 6.44
N LEU A 211 3.36 7.93 6.28
CA LEU A 211 2.23 7.09 5.90
C LEU A 211 2.32 6.57 4.46
N LEU A 212 2.97 7.32 3.58
CA LEU A 212 3.12 6.87 2.20
C LEU A 212 4.02 5.65 2.09
N ILE A 213 4.95 5.50 3.02
CA ILE A 213 5.85 4.34 3.00
C ILE A 213 5.06 3.07 3.36
N LEU A 214 3.92 3.24 4.02
CA LEU A 214 3.02 2.12 4.29
C LEU A 214 2.47 1.48 3.02
N SER A 215 2.36 2.29 1.96
CA SER A 215 1.93 1.78 0.67
C SER A 215 2.99 0.88 0.07
N HIS A 216 4.25 1.26 0.25
CA HIS A 216 5.36 0.43 -0.22
C HIS A 216 5.50 -0.84 0.61
N ILE A 217 5.33 -0.73 1.92
CA ILE A 217 5.37 -1.90 2.79
C ILE A 217 4.29 -2.90 2.38
N ARG A 218 3.12 -2.40 2.02
CA ARG A 218 2.05 -3.25 1.51
C ARG A 218 2.44 -3.97 0.23
N HIS A 219 3.08 -3.23 -0.67
CA HIS A 219 3.55 -3.77 -1.94
C HIS A 219 4.59 -4.88 -1.69
N MET A 220 5.48 -4.66 -0.74
CA MET A 220 6.49 -5.66 -0.43
C MET A 220 5.86 -6.94 0.12
N SER A 221 4.86 -6.77 0.98
CA SER A 221 4.15 -7.91 1.56
C SER A 221 3.51 -8.78 0.48
N ASN A 222 2.80 -8.15 -0.45
CA ASN A 222 2.16 -8.91 -1.52
C ASN A 222 3.17 -9.60 -2.43
N LYS A 223 4.28 -8.95 -2.72
CA LYS A 223 5.36 -9.59 -3.46
C LYS A 223 5.92 -10.77 -2.66
N GLY A 224 6.17 -10.54 -1.38
CA GLY A 224 6.66 -11.59 -0.51
C GLY A 224 5.70 -12.75 -0.40
N MET A 225 4.41 -12.44 -0.32
CA MET A 225 3.38 -13.47 -0.16
C MET A 225 3.32 -14.42 -1.35
N GLU A 226 3.41 -13.87 -2.56
CA GLU A 226 3.47 -14.69 -3.77
C GLU A 226 4.69 -15.59 -3.76
N HIS A 227 5.79 -15.04 -3.27
CA HIS A 227 7.02 -15.79 -3.25
C HIS A 227 6.93 -16.95 -2.27
N LEU A 228 6.37 -16.70 -1.10
CA LEU A 228 6.17 -17.76 -0.11
C LEU A 228 5.25 -18.84 -0.67
N TYR A 229 4.35 -18.44 -1.57
CA TYR A 229 3.45 -19.38 -2.23
C TYR A 229 4.17 -20.21 -3.29
N SER A 230 5.16 -19.63 -3.96
CA SER A 230 6.01 -20.41 -4.87
C SER A 230 6.61 -21.56 -4.08
N MET A 231 7.26 -21.19 -2.98
CA MET A 231 7.91 -22.13 -2.07
C MET A 231 7.00 -23.27 -1.65
N LYS A 232 5.78 -22.94 -1.22
CA LYS A 232 4.81 -23.95 -0.80
C LYS A 232 4.48 -24.91 -1.94
N CYS A 233 4.51 -24.43 -3.17
CA CYS A 233 4.25 -25.30 -4.30
C CYS A 233 5.48 -26.16 -4.60
N LYS A 234 6.66 -25.68 -4.23
CA LYS A 234 7.89 -26.43 -4.43
C LYS A 234 8.09 -27.53 -3.38
N ASN A 235 7.54 -27.32 -2.18
CA ASN A 235 7.64 -28.27 -1.07
C ASN A 235 9.08 -28.66 -0.72
N VAL A 236 10.03 -27.76 -0.97
CA VAL A 236 11.44 -28.01 -0.65
C VAL A 236 11.81 -27.34 0.68
N VAL A 237 11.10 -26.28 1.02
CA VAL A 237 11.17 -25.73 2.37
C VAL A 237 9.79 -25.91 2.98
N PRO A 238 9.73 -26.68 4.08
CA PRO A 238 8.47 -26.99 4.74
C PRO A 238 7.96 -25.78 5.51
N LEU A 239 6.71 -25.40 5.29
CA LEU A 239 6.15 -24.33 6.09
C LEU A 239 5.49 -24.92 7.32
N SER A 240 5.45 -24.15 8.40
CA SER A 240 4.81 -24.60 9.63
C SER A 240 3.31 -24.58 9.45
N ASP A 241 2.60 -25.30 10.33
CA ASP A 241 1.14 -25.30 10.31
C ASP A 241 0.57 -23.89 10.40
N LEU A 242 1.11 -23.09 11.31
CA LEU A 242 0.61 -21.74 11.53
C LEU A 242 0.89 -20.80 10.36
N LEU A 243 2.14 -20.79 9.91
CA LEU A 243 2.57 -19.99 8.76
C LEU A 243 1.71 -20.33 7.55
N LEU A 244 1.40 -21.61 7.41
CA LEU A 244 0.57 -22.11 6.33
C LEU A 244 -0.85 -21.58 6.39
N GLU A 245 -1.36 -21.41 7.61
CA GLU A 245 -2.69 -20.87 7.81
C GLU A 245 -2.73 -19.38 7.52
N MET A 246 -1.66 -18.68 7.94
CA MET A 246 -1.53 -17.25 7.66
C MET A 246 -1.50 -17.03 6.16
N LEU A 247 -0.73 -17.88 5.48
CA LEU A 247 -0.54 -17.82 4.05
C LEU A 247 -1.82 -18.17 3.29
N ASP A 248 -2.51 -19.22 3.74
CA ASP A 248 -3.73 -19.68 3.07
C ASP A 248 -4.86 -18.65 3.12
N ALA A 249 -4.73 -17.69 4.03
CA ALA A 249 -5.76 -16.66 4.22
C ALA A 249 -5.64 -15.53 3.18
N HIS A 250 -4.66 -15.69 2.29
CA HIS A 250 -4.50 -14.74 1.20
C HIS A 250 -4.87 -15.45 -0.10
N ARG A 251 -5.03 -16.77 0.02
CA ARG A 251 -5.49 -17.65 -1.05
C ARG A 251 -4.53 -17.66 -2.23
N LEU A 252 -4.20 -16.46 -2.72
CA LEU A 252 -3.06 -16.25 -3.60
C LEU A 252 -3.05 -17.16 -4.82
N HIS A 253 -1.82 -17.42 -5.29
CA HIS A 253 -1.44 -18.33 -6.39
C HIS A 253 -1.11 -17.49 -7.61
N ALA A 254 -2.16 -16.90 -8.14
CA ALA A 254 -2.11 -15.65 -8.88
C ALA A 254 -3.43 -14.97 -8.53
N PRO A 255 -3.48 -14.23 -7.42
CA PRO A 255 -4.77 -13.58 -7.18
C PRO A 255 -4.79 -12.16 -7.72
N SER B 8 12.56 24.20 -11.45
CA SER B 8 11.29 23.47 -11.49
C SER B 8 10.11 24.43 -11.48
N LEU B 9 9.06 24.06 -12.19
CA LEU B 9 7.88 24.91 -12.28
C LEU B 9 6.87 24.54 -11.20
N ALA B 10 7.06 23.36 -10.62
CA ALA B 10 6.08 22.77 -9.71
C ALA B 10 6.24 23.25 -8.26
N LEU B 11 7.46 23.63 -7.90
CA LEU B 11 7.74 24.03 -6.53
C LEU B 11 7.28 25.46 -6.24
N SER B 12 6.58 26.05 -7.19
CA SER B 12 6.27 27.47 -7.16
C SER B 12 4.80 27.75 -6.93
N LEU B 13 3.97 26.74 -7.12
CA LEU B 13 2.53 26.96 -7.12
C LEU B 13 1.96 27.27 -5.75
N THR B 14 1.08 28.27 -5.73
CA THR B 14 0.08 28.39 -4.67
C THR B 14 -0.58 27.03 -4.49
N ALA B 15 -1.14 26.79 -3.32
CA ALA B 15 -2.00 25.63 -3.17
C ALA B 15 -3.19 25.74 -4.13
N ASP B 16 -3.86 26.89 -4.15
CA ASP B 16 -5.02 27.08 -5.00
C ASP B 16 -4.67 26.97 -6.49
N GLN B 17 -3.41 27.23 -6.82
CA GLN B 17 -2.90 27.05 -8.18
C GLN B 17 -2.77 25.58 -8.54
N MET B 18 -2.06 24.84 -7.68
CA MET B 18 -1.88 23.40 -7.81
C MET B 18 -3.19 22.71 -8.16
N VAL B 19 -4.23 23.07 -7.40
CA VAL B 19 -5.56 22.51 -7.60
C VAL B 19 -6.08 22.83 -9.01
N SER B 20 -5.95 24.09 -9.43
CA SER B 20 -6.34 24.48 -10.77
C SER B 20 -5.72 23.55 -11.80
N ALA B 21 -4.38 23.49 -11.79
CA ALA B 21 -3.63 22.68 -12.74
C ALA B 21 -4.06 21.23 -12.71
N LEU B 22 -4.21 20.67 -11.50
CA LEU B 22 -4.65 19.29 -11.37
C LEU B 22 -6.07 19.10 -11.88
N LEU B 23 -6.96 20.04 -11.56
CA LEU B 23 -8.33 19.98 -12.06
C LEU B 23 -8.35 20.11 -13.59
N ASP B 24 -7.64 21.11 -14.11
CA ASP B 24 -7.53 21.31 -15.55
C ASP B 24 -7.05 20.07 -16.28
N ALA B 25 -6.20 19.31 -15.61
CA ALA B 25 -5.49 18.20 -16.24
C ALA B 25 -6.30 16.92 -16.30
N GLU B 26 -7.44 16.89 -15.61
CA GLU B 26 -8.25 15.67 -15.49
C GLU B 26 -8.49 15.02 -16.83
N PRO B 27 -8.35 13.69 -16.90
CA PRO B 27 -8.69 13.04 -18.17
C PRO B 27 -10.19 13.00 -18.33
N PRO B 28 -10.65 12.73 -19.55
CA PRO B 28 -12.09 12.55 -19.79
C PRO B 28 -12.56 11.17 -19.37
N ILE B 29 -13.87 11.00 -19.23
CA ILE B 29 -14.43 9.70 -18.91
C ILE B 29 -14.81 8.98 -20.19
N LEU B 30 -14.17 7.85 -20.46
CA LEU B 30 -14.38 7.15 -21.72
C LEU B 30 -15.57 6.20 -21.64
N TYR B 31 -16.10 5.83 -22.80
CA TYR B 31 -17.22 4.90 -22.85
C TYR B 31 -16.77 3.49 -23.17
N SER B 32 -17.61 2.53 -22.80
CA SER B 32 -17.42 1.13 -23.12
C SER B 32 -18.10 0.80 -24.44
N GLU B 33 -17.91 -0.42 -24.93
CA GLU B 33 -18.60 -0.86 -26.13
C GLU B 33 -19.72 -1.81 -25.74
N TYR B 34 -20.07 -1.75 -24.46
CA TYR B 34 -21.13 -2.55 -23.87
C TYR B 34 -22.45 -2.39 -24.63
N ASP B 35 -22.91 -3.50 -25.18
CA ASP B 35 -24.24 -3.57 -25.78
C ASP B 35 -25.14 -4.32 -24.81
N PRO B 36 -26.15 -3.62 -24.26
CA PRO B 36 -27.02 -4.20 -23.24
C PRO B 36 -27.87 -5.34 -23.78
N THR B 37 -28.06 -5.39 -25.08
CA THR B 37 -28.86 -6.46 -25.69
C THR B 37 -28.14 -7.80 -25.62
N ARG B 38 -26.87 -7.78 -25.23
CA ARG B 38 -26.10 -9.00 -25.04
C ARG B 38 -25.72 -9.15 -23.56
N PRO B 39 -25.94 -10.35 -22.99
CA PRO B 39 -25.54 -10.51 -21.60
C PRO B 39 -24.21 -11.23 -21.52
N SER B 41 -21.17 -12.13 -19.18
CA SER B 41 -20.09 -13.11 -19.12
C SER B 41 -18.92 -12.54 -18.35
N GLU B 42 -17.97 -13.39 -17.94
CA GLU B 42 -16.76 -12.86 -17.32
C GLU B 42 -15.71 -12.60 -18.40
N ALA B 43 -15.81 -13.33 -19.51
CA ALA B 43 -14.90 -13.13 -20.62
C ALA B 43 -15.28 -11.90 -21.44
N SER B 44 -16.58 -11.73 -21.68
CA SER B 44 -17.06 -10.55 -22.40
C SER B 44 -16.77 -9.29 -21.60
N MET B 45 -17.13 -9.31 -20.31
CA MET B 45 -16.89 -8.19 -19.42
C MET B 45 -15.43 -7.79 -19.42
N MET B 46 -14.54 -8.76 -19.26
CA MET B 46 -13.11 -8.49 -19.20
C MET B 46 -12.58 -8.02 -20.54
N GLY B 47 -13.25 -8.42 -21.62
CA GLY B 47 -12.90 -7.94 -22.94
C GLY B 47 -13.15 -6.45 -23.04
N LEU B 48 -14.25 -6.00 -22.44
CA LEU B 48 -14.66 -4.60 -22.47
C LEU B 48 -13.78 -3.72 -21.60
N LEU B 49 -13.48 -4.22 -20.39
CA LEU B 49 -12.66 -3.49 -19.45
C LEU B 49 -11.24 -3.34 -19.98
N THR B 50 -10.78 -4.39 -20.66
CA THR B 50 -9.45 -4.38 -21.25
C THR B 50 -9.38 -3.34 -22.35
N ASN B 51 -10.37 -3.36 -23.25
CA ASN B 51 -10.49 -2.35 -24.29
C ASN B 51 -10.53 -0.95 -23.69
N LEU B 52 -11.35 -0.77 -22.66
CA LEU B 52 -11.50 0.51 -21.97
C LEU B 52 -10.19 1.00 -21.36
N ALA B 53 -9.55 0.15 -20.58
CA ALA B 53 -8.30 0.49 -19.92
C ALA B 53 -7.22 0.83 -20.95
N ASP B 54 -7.24 0.13 -22.07
CA ASP B 54 -6.30 0.40 -23.14
C ASP B 54 -6.46 1.81 -23.68
N ARG B 55 -7.71 2.25 -23.84
CA ARG B 55 -7.93 3.61 -24.33
C ARG B 55 -7.66 4.64 -23.23
N GLU B 56 -8.01 4.32 -21.98
CA GLU B 56 -7.73 5.22 -20.86
C GLU B 56 -6.24 5.48 -20.69
N LEU B 57 -5.44 4.43 -20.88
CA LEU B 57 -3.99 4.53 -20.75
C LEU B 57 -3.42 5.69 -21.55
N VAL B 58 -3.99 5.96 -22.71
CA VAL B 58 -3.50 7.03 -23.57
C VAL B 58 -3.78 8.40 -22.96
N HIS B 59 -4.97 8.56 -22.36
CA HIS B 59 -5.32 9.82 -21.71
C HIS B 59 -4.55 10.00 -20.40
N MET B 60 -4.28 8.90 -19.72
CA MET B 60 -3.53 8.94 -18.45
C MET B 60 -2.09 9.40 -18.70
N ILE B 61 -1.48 8.86 -19.75
CA ILE B 61 -0.10 9.21 -20.08
C ILE B 61 -0.01 10.69 -20.40
N ASN B 62 -1.03 11.23 -21.05
CA ASN B 62 -1.00 12.65 -21.40
C ASN B 62 -1.44 13.52 -20.23
N TRP B 63 -2.17 12.93 -19.30
CA TRP B 63 -2.47 13.58 -18.01
C TRP B 63 -1.23 13.66 -17.12
N ALA B 64 -0.45 12.58 -17.09
CA ALA B 64 0.72 12.51 -16.24
C ALA B 64 1.68 13.66 -16.54
N LYS B 65 1.87 13.93 -17.83
CA LYS B 65 2.70 15.05 -18.27
C LYS B 65 2.22 16.39 -17.72
N ARG B 66 0.95 16.47 -17.35
CA ARG B 66 0.38 17.72 -16.84
C ARG B 66 0.41 17.81 -15.31
N VAL B 67 0.84 16.75 -14.64
CA VAL B 67 1.02 16.78 -13.19
C VAL B 67 2.25 17.62 -12.89
N PRO B 68 2.11 18.63 -12.01
CA PRO B 68 3.28 19.48 -11.76
C PRO B 68 4.48 18.68 -11.28
N GLY B 69 5.63 18.91 -11.91
CA GLY B 69 6.84 18.23 -11.50
C GLY B 69 7.13 16.97 -12.30
N PHE B 70 6.08 16.33 -12.80
CA PHE B 70 6.28 15.08 -13.52
C PHE B 70 7.19 15.24 -14.72
N VAL B 71 6.89 16.23 -15.55
CA VAL B 71 7.64 16.44 -16.79
C VAL B 71 9.13 16.71 -16.51
N ASP B 72 9.42 17.18 -15.31
CA ASP B 72 10.80 17.50 -14.92
C ASP B 72 11.69 16.27 -14.83
N LEU B 73 11.09 15.10 -14.64
CA LEU B 73 11.86 13.88 -14.43
C LEU B 73 12.41 13.32 -15.73
N THR B 74 13.45 12.49 -15.63
CA THR B 74 14.00 11.86 -16.82
C THR B 74 12.99 10.88 -17.38
N LEU B 75 13.09 10.64 -18.68
CA LEU B 75 12.14 9.83 -19.40
C LEU B 75 12.09 8.41 -18.84
N HIS B 76 13.25 7.91 -18.39
CA HIS B 76 13.33 6.59 -17.79
C HIS B 76 12.56 6.55 -16.47
N ASP B 77 12.58 7.65 -15.73
CA ASP B 77 11.87 7.68 -14.46
C ASP B 77 10.37 7.88 -14.65
N GLN B 78 9.99 8.75 -15.59
CA GLN B 78 8.59 8.89 -15.96
C GLN B 78 7.98 7.54 -16.32
N VAL B 79 8.68 6.80 -17.18
CA VAL B 79 8.28 5.47 -17.60
C VAL B 79 8.08 4.53 -16.41
N HIS B 80 9.03 4.57 -15.49
CA HIS B 80 9.00 3.71 -14.32
C HIS B 80 7.80 4.01 -13.44
N LEU B 81 7.54 5.29 -13.20
CA LEU B 81 6.41 5.71 -12.38
C LEU B 81 5.07 5.24 -12.94
N LEU B 82 4.88 5.39 -14.24
CA LEU B 82 3.60 5.00 -14.84
C LEU B 82 3.45 3.48 -14.90
N GLU B 83 4.54 2.79 -15.18
CA GLU B 83 4.53 1.32 -15.20
C GLU B 83 4.10 0.77 -13.86
N CYS B 84 4.57 1.43 -12.86
CA CYS B 84 4.30 1.08 -11.52
C CYS B 84 2.87 1.45 -11.02
N ALA B 85 2.41 2.62 -11.42
CA ALA B 85 1.17 3.19 -10.88
C ALA B 85 -0.08 3.07 -11.76
N TRP B 86 0.04 2.53 -12.97
CA TRP B 86 -1.06 2.66 -13.94
C TRP B 86 -2.39 2.04 -13.49
N LEU B 87 -2.34 0.85 -12.87
CA LEU B 87 -3.59 0.20 -12.48
C LEU B 87 -4.15 0.83 -11.20
N GLU B 88 -3.26 1.32 -10.34
CA GLU B 88 -3.67 2.06 -9.15
C GLU B 88 -4.48 3.28 -9.54
N ILE B 89 -4.01 3.95 -10.59
CA ILE B 89 -4.61 5.20 -11.06
C ILE B 89 -5.92 4.91 -11.79
N LEU B 90 -5.95 3.86 -12.60
CA LEU B 90 -7.21 3.40 -13.21
C LEU B 90 -8.21 3.06 -12.11
N MET B 91 -7.73 2.44 -11.04
CA MET B 91 -8.62 1.96 -9.98
C MET B 91 -9.15 3.08 -9.08
N ILE B 92 -8.31 4.05 -8.73
CA ILE B 92 -8.80 5.15 -7.91
C ILE B 92 -9.74 6.04 -8.74
N GLY B 93 -9.49 6.11 -10.03
CA GLY B 93 -10.38 6.85 -10.92
C GLY B 93 -11.74 6.20 -10.91
N LEU B 94 -11.74 4.87 -11.02
CA LEU B 94 -12.97 4.08 -10.99
C LEU B 94 -13.77 4.29 -9.71
N VAL B 95 -13.12 4.12 -8.56
CA VAL B 95 -13.85 4.21 -7.30
C VAL B 95 -14.40 5.63 -7.08
N TRP B 96 -13.71 6.64 -7.60
CA TRP B 96 -14.20 8.02 -7.53
C TRP B 96 -15.44 8.17 -8.39
N ARG B 97 -15.37 7.70 -9.64
CA ARG B 97 -16.53 7.67 -10.54
C ARG B 97 -17.73 7.03 -9.84
N SER B 98 -17.46 5.99 -9.08
CA SER B 98 -18.50 5.11 -8.56
C SER B 98 -19.08 5.53 -7.23
N MET B 99 -18.48 6.56 -6.64
CA MET B 99 -18.84 7.03 -5.29
C MET B 99 -20.33 7.11 -5.06
N GLU B 100 -21.03 7.79 -5.96
CA GLU B 100 -22.45 8.03 -5.79
C GLU B 100 -23.30 6.96 -6.48
N HIS B 101 -22.77 5.75 -6.53
CA HIS B 101 -23.52 4.58 -6.99
C HIS B 101 -23.31 3.46 -6.01
N PRO B 102 -23.99 3.52 -4.85
CA PRO B 102 -23.77 2.53 -3.79
C PRO B 102 -23.98 1.13 -4.34
N GLY B 103 -23.03 0.25 -4.11
CA GLY B 103 -23.15 -1.13 -4.55
C GLY B 103 -22.78 -1.39 -6.00
N LYS B 104 -22.34 -0.36 -6.71
CA LYS B 104 -21.94 -0.56 -8.10
C LYS B 104 -20.64 0.13 -8.49
N LEU B 105 -20.03 -0.37 -9.55
CA LEU B 105 -18.79 0.17 -10.09
C LEU B 105 -19.05 0.77 -11.46
N LEU B 106 -18.88 2.09 -11.56
CA LEU B 106 -19.10 2.76 -12.83
C LEU B 106 -17.82 2.70 -13.67
N PHE B 107 -17.59 1.57 -14.34
CA PHE B 107 -16.42 1.43 -15.19
C PHE B 107 -16.48 2.46 -16.33
N ALA B 108 -17.66 2.63 -16.90
CA ALA B 108 -17.93 3.69 -17.87
C ALA B 108 -19.37 4.16 -17.65
N PRO B 109 -19.77 5.30 -18.22
CA PRO B 109 -21.16 5.71 -17.99
C PRO B 109 -22.19 4.70 -18.49
N ASN B 110 -21.81 3.92 -19.50
CA ASN B 110 -22.68 2.88 -20.03
C ASN B 110 -22.32 1.50 -19.50
N LEU B 111 -21.49 1.45 -18.47
CA LEU B 111 -21.08 0.19 -17.89
C LEU B 111 -21.02 0.29 -16.37
N LEU B 112 -22.17 0.14 -15.73
CA LEU B 112 -22.29 0.26 -14.28
C LEU B 112 -22.68 -1.09 -13.67
N LEU B 113 -21.71 -1.75 -13.02
CA LEU B 113 -21.86 -3.15 -12.60
C LEU B 113 -21.98 -3.37 -11.10
N ASP B 114 -22.71 -4.42 -10.70
CA ASP B 114 -22.70 -4.85 -9.29
C ASP B 114 -21.93 -6.17 -9.12
N ARG B 115 -21.71 -6.55 -7.86
CA ARG B 115 -20.86 -7.69 -7.51
C ARG B 115 -21.41 -9.02 -8.05
N ASN B 116 -22.64 -9.00 -8.55
CA ASN B 116 -23.34 -10.21 -8.95
C ASN B 116 -23.11 -10.62 -10.40
N GLN B 117 -22.97 -9.63 -11.28
CA GLN B 117 -22.71 -9.90 -12.69
C GLN B 117 -21.25 -10.24 -12.92
N GLY B 123 -12.13 -14.92 -6.75
CA GLY B 123 -11.00 -14.07 -7.09
C GLY B 123 -11.42 -12.74 -7.67
N MET B 124 -12.14 -12.79 -8.78
CA MET B 124 -12.64 -11.59 -9.43
C MET B 124 -13.63 -10.85 -8.52
N VAL B 125 -14.46 -11.61 -7.82
CA VAL B 125 -15.42 -11.05 -6.89
C VAL B 125 -14.69 -10.34 -5.76
N GLU B 126 -13.56 -10.91 -5.35
CA GLU B 126 -12.74 -10.32 -4.29
C GLU B 126 -12.35 -8.89 -4.65
N ILE B 127 -11.80 -8.70 -5.84
CA ILE B 127 -11.37 -7.38 -6.29
C ILE B 127 -12.54 -6.41 -6.36
N PHE B 128 -13.66 -6.86 -6.94
CA PHE B 128 -14.89 -6.07 -6.97
C PHE B 128 -15.28 -5.59 -5.59
N ASP B 129 -15.31 -6.51 -4.64
CA ASP B 129 -15.72 -6.20 -3.28
C ASP B 129 -14.78 -5.18 -2.64
N MET B 130 -13.50 -5.27 -2.96
CA MET B 130 -12.52 -4.32 -2.46
C MET B 130 -12.68 -2.94 -3.10
N LEU B 131 -12.93 -2.93 -4.40
CA LEU B 131 -13.20 -1.69 -5.10
C LEU B 131 -14.47 -1.04 -4.52
N LEU B 132 -15.51 -1.85 -4.30
CA LEU B 132 -16.77 -1.37 -3.74
C LEU B 132 -16.58 -0.77 -2.35
N ALA B 133 -15.75 -1.41 -1.53
CA ALA B 133 -15.51 -0.95 -0.17
C ALA B 133 -14.72 0.35 -0.14
N THR B 134 -13.84 0.53 -1.13
CA THR B 134 -13.07 1.77 -1.26
C THR B 134 -13.97 2.92 -1.68
N SER B 135 -14.82 2.66 -2.66
CA SER B 135 -15.78 3.63 -3.14
C SER B 135 -16.65 4.08 -1.96
N SER B 136 -17.15 3.07 -1.25
CA SER B 136 -17.92 3.24 -0.03
C SER B 136 -17.22 4.12 1.00
N ARG B 137 -15.93 3.88 1.20
CA ARG B 137 -15.14 4.64 2.18
C ARG B 137 -15.03 6.10 1.76
N PHE B 138 -14.74 6.33 0.47
CA PHE B 138 -14.76 7.67 -0.10
C PHE B 138 -16.08 8.39 0.15
N ARG B 139 -17.16 7.64 0.02
CA ARG B 139 -18.49 8.20 0.21
C ARG B 139 -18.73 8.65 1.65
N MET B 140 -18.35 7.82 2.62
CA MET B 140 -18.59 8.19 4.01
C MET B 140 -17.64 9.32 4.43
N MET B 141 -16.52 9.44 3.74
CA MET B 141 -15.61 10.56 3.97
C MET B 141 -16.02 11.82 3.22
N ASN B 142 -16.96 11.68 2.28
CA ASN B 142 -17.40 12.82 1.47
C ASN B 142 -16.19 13.43 0.78
N LEU B 143 -15.46 12.61 0.04
CA LEU B 143 -14.23 13.03 -0.62
C LEU B 143 -14.53 14.08 -1.68
N GLN B 144 -13.68 15.08 -1.78
CA GLN B 144 -13.90 16.17 -2.71
C GLN B 144 -13.08 15.98 -3.97
N GLY B 145 -13.58 16.49 -5.09
CA GLY B 145 -12.87 16.41 -6.36
C GLY B 145 -11.47 16.94 -6.20
N GLU B 146 -11.32 17.98 -5.38
CA GLU B 146 -10.04 18.59 -5.13
C GLU B 146 -9.11 17.70 -4.31
N GLU B 147 -9.67 17.00 -3.33
CA GLU B 147 -8.87 16.06 -2.54
C GLU B 147 -8.47 14.87 -3.42
N PHE B 148 -9.40 14.47 -4.29
CA PHE B 148 -9.19 13.34 -5.18
C PHE B 148 -8.04 13.53 -6.16
N VAL B 149 -8.03 14.65 -6.88
CA VAL B 149 -6.98 14.88 -7.88
C VAL B 149 -5.61 14.94 -7.20
N CYS B 150 -5.58 15.41 -5.95
CA CYS B 150 -4.35 15.39 -5.17
C CYS B 150 -3.88 13.96 -4.94
N LEU B 151 -4.78 13.11 -4.45
CA LEU B 151 -4.47 11.71 -4.16
C LEU B 151 -3.92 10.96 -5.37
N LYS B 152 -4.61 11.16 -6.50
CA LYS B 152 -4.26 10.50 -7.75
C LYS B 152 -2.85 10.89 -8.19
N SER B 153 -2.51 12.17 -7.99
CA SER B 153 -1.16 12.64 -8.29
C SER B 153 -0.13 12.08 -7.32
N ILE B 154 -0.53 11.90 -6.07
CA ILE B 154 0.37 11.36 -5.06
C ILE B 154 0.74 9.94 -5.43
N ILE B 155 -0.24 9.17 -5.90
CA ILE B 155 -0.01 7.79 -6.31
C ILE B 155 0.99 7.70 -7.47
N LEU B 156 0.81 8.53 -8.49
CA LEU B 156 1.71 8.55 -9.64
C LEU B 156 3.16 8.76 -9.21
N LEU B 157 3.36 9.67 -8.26
CA LEU B 157 4.70 10.05 -7.84
C LEU B 157 5.28 9.12 -6.78
N ASN B 158 4.42 8.59 -5.92
CA ASN B 158 4.88 7.83 -4.76
C ASN B 158 5.11 6.35 -5.02
N SER B 159 4.27 5.74 -5.83
CA SER B 159 4.20 4.28 -5.87
C SER B 159 5.48 3.63 -6.42
N GLY B 160 6.19 4.34 -7.28
CA GLY B 160 7.38 3.80 -7.90
C GLY B 160 8.68 4.44 -7.46
N VAL B 161 8.62 5.30 -6.44
CA VAL B 161 9.78 6.08 -6.05
C VAL B 161 10.88 5.26 -5.35
N TYR B 162 10.59 4.01 -4.98
CA TYR B 162 11.57 3.21 -4.23
C TYR B 162 12.02 1.95 -4.98
N THR B 163 11.87 1.95 -6.29
CA THR B 163 11.97 0.70 -7.04
C THR B 163 12.47 0.92 -8.46
N GLU B 174 16.97 13.95 -7.96
CA GLU B 174 15.95 13.36 -8.80
C GLU B 174 14.87 12.71 -7.95
N LYS B 175 15.27 11.79 -7.09
CA LYS B 175 14.36 11.23 -6.09
C LYS B 175 13.99 12.33 -5.10
N ASP B 176 14.94 13.23 -4.85
CA ASP B 176 14.72 14.36 -3.96
C ASP B 176 13.70 15.35 -4.53
N HIS B 177 13.82 15.69 -5.82
CA HIS B 177 12.85 16.60 -6.43
C HIS B 177 11.44 16.05 -6.31
N ILE B 178 11.32 14.73 -6.41
CA ILE B 178 10.04 14.05 -6.28
C ILE B 178 9.44 14.28 -4.89
N HIS B 179 10.28 14.19 -3.87
CA HIS B 179 9.81 14.32 -2.50
C HIS B 179 9.31 15.75 -2.24
N ARG B 180 9.92 16.72 -2.91
CA ARG B 180 9.49 18.11 -2.78
C ARG B 180 8.08 18.34 -3.33
N VAL B 181 7.76 17.69 -4.44
CA VAL B 181 6.43 17.84 -5.05
C VAL B 181 5.38 17.19 -4.18
N LEU B 182 5.68 15.98 -3.72
CA LEU B 182 4.86 15.28 -2.74
C LEU B 182 4.54 16.19 -1.56
N ASP B 183 5.58 16.81 -1.01
CA ASP B 183 5.41 17.75 0.09
C ASP B 183 4.50 18.92 -0.30
N LYS B 184 4.64 19.42 -1.52
CA LYS B 184 3.74 20.48 -2.00
C LYS B 184 2.29 19.99 -2.07
N ILE B 185 2.09 18.75 -2.51
CA ILE B 185 0.75 18.20 -2.61
C ILE B 185 0.16 17.97 -1.22
N THR B 186 1.02 17.63 -0.25
CA THR B 186 0.59 17.56 1.14
C THR B 186 0.12 18.93 1.61
N ASP B 187 0.98 19.93 1.40
CA ASP B 187 0.66 21.32 1.72
C ASP B 187 -0.71 21.68 1.17
N THR B 188 -1.00 21.18 -0.03
CA THR B 188 -2.20 21.52 -0.75
C THR B 188 -3.43 20.84 -0.14
N LEU B 189 -3.30 19.55 0.19
CA LEU B 189 -4.36 18.83 0.88
C LEU B 189 -4.75 19.53 2.17
N ILE B 190 -3.75 19.95 2.95
CA ILE B 190 -4.01 20.62 4.21
C ILE B 190 -4.67 21.98 3.98
N HIS B 191 -4.16 22.74 3.00
CA HIS B 191 -4.76 24.02 2.59
C HIS B 191 -6.25 23.85 2.32
N LEU B 192 -6.61 22.80 1.60
CA LEU B 192 -7.99 22.50 1.29
C LEU B 192 -8.84 22.25 2.55
N MET B 193 -8.35 21.38 3.43
CA MET B 193 -9.10 21.03 4.64
C MET B 193 -9.29 22.21 5.58
N ALA B 194 -8.30 23.09 5.63
CA ALA B 194 -8.41 24.31 6.42
C ALA B 194 -9.55 25.18 5.88
N LYS B 195 -9.74 25.13 4.56
CA LYS B 195 -10.79 25.88 3.89
C LYS B 195 -12.18 25.37 4.27
N ALA B 196 -12.33 24.05 4.38
CA ALA B 196 -13.62 23.43 4.67
C ALA B 196 -13.98 23.54 6.16
N GLY B 197 -13.22 24.33 6.90
CA GLY B 197 -13.53 24.64 8.28
C GLY B 197 -13.00 23.68 9.32
N LEU B 198 -12.13 22.76 8.92
CA LEU B 198 -11.64 21.72 9.84
C LEU B 198 -10.63 22.25 10.84
N THR B 199 -10.75 21.82 12.10
CA THR B 199 -9.73 22.14 13.10
C THR B 199 -8.44 21.46 12.70
N LEU B 200 -7.34 21.90 13.30
CA LEU B 200 -6.02 21.33 13.03
C LEU B 200 -5.98 19.84 13.32
N GLN B 201 -6.62 19.44 14.41
CA GLN B 201 -6.71 18.03 14.74
C GLN B 201 -7.49 17.28 13.67
N GLN B 202 -8.53 17.93 13.14
CA GLN B 202 -9.36 17.31 12.11
C GLN B 202 -8.68 17.24 10.76
N GLN B 203 -7.79 18.19 10.49
CA GLN B 203 -7.02 18.16 9.25
C GLN B 203 -6.03 17.01 9.27
N HIS B 204 -5.32 16.87 10.39
CA HIS B 204 -4.36 15.78 10.57
C HIS B 204 -4.99 14.42 10.32
N GLN B 205 -6.17 14.22 10.91
CA GLN B 205 -6.82 12.93 10.87
C GLN B 205 -7.33 12.61 9.49
N ARG B 206 -7.96 13.59 8.84
CA ARG B 206 -8.47 13.38 7.50
C ARG B 206 -7.32 13.11 6.53
N LEU B 207 -6.24 13.86 6.68
CA LEU B 207 -5.04 13.65 5.86
C LEU B 207 -4.55 12.22 5.98
N ALA B 208 -4.35 11.78 7.21
CA ALA B 208 -3.91 10.41 7.48
C ALA B 208 -4.89 9.40 6.91
N GLN B 209 -6.18 9.68 7.09
CA GLN B 209 -7.24 8.80 6.61
C GLN B 209 -7.18 8.60 5.09
N LEU B 210 -6.92 9.68 4.36
CA LEU B 210 -6.86 9.62 2.90
C LEU B 210 -5.65 8.82 2.44
N LEU B 211 -4.51 9.04 3.08
CA LEU B 211 -3.27 8.40 2.68
C LEU B 211 -3.25 6.92 3.06
N LEU B 212 -3.99 6.57 4.11
CA LEU B 212 -4.10 5.16 4.48
C LEU B 212 -4.91 4.38 3.46
N ILE B 213 -5.82 5.03 2.75
CA ILE B 213 -6.59 4.33 1.71
C ILE B 213 -5.67 3.96 0.55
N LEU B 214 -4.62 4.74 0.32
CA LEU B 214 -3.67 4.45 -0.74
C LEU B 214 -2.95 3.12 -0.52
N SER B 215 -2.91 2.68 0.73
CA SER B 215 -2.36 1.37 1.05
C SER B 215 -3.23 0.27 0.44
N HIS B 216 -4.53 0.48 0.48
CA HIS B 216 -5.50 -0.47 -0.06
C HIS B 216 -5.59 -0.39 -1.54
N ILE B 217 -5.38 0.82 -2.04
CA ILE B 217 -5.36 0.97 -3.46
C ILE B 217 -4.13 0.24 -4.00
N ARG B 218 -3.03 0.28 -3.27
CA ARG B 218 -1.85 -0.49 -3.71
C ARG B 218 -2.19 -1.98 -3.70
N HIS B 219 -2.90 -2.41 -2.66
CA HIS B 219 -3.30 -3.81 -2.51
C HIS B 219 -4.15 -4.30 -3.67
N MET B 220 -5.19 -3.54 -3.98
CA MET B 220 -6.08 -3.87 -5.10
C MET B 220 -5.31 -3.95 -6.41
N SER B 221 -4.39 -3.01 -6.62
CA SER B 221 -3.56 -3.02 -7.81
C SER B 221 -2.73 -4.29 -7.91
N ASN B 222 -2.13 -4.71 -6.78
CA ASN B 222 -1.34 -5.94 -6.76
C ASN B 222 -2.16 -7.16 -7.12
N LYS B 223 -3.28 -7.34 -6.43
CA LYS B 223 -4.20 -8.45 -6.71
C LYS B 223 -4.69 -8.39 -8.16
N GLY B 224 -5.01 -7.19 -8.61
CA GLY B 224 -5.45 -6.99 -9.97
C GLY B 224 -4.39 -7.40 -10.96
N MET B 225 -3.14 -6.99 -10.73
CA MET B 225 -2.06 -7.32 -11.65
C MET B 225 -1.86 -8.82 -11.73
N GLU B 226 -1.99 -9.50 -10.60
CA GLU B 226 -1.86 -10.96 -10.60
C GLU B 226 -3.02 -11.59 -11.36
N HIS B 227 -4.23 -11.05 -11.22
CA HIS B 227 -5.36 -11.61 -11.96
C HIS B 227 -5.11 -11.49 -13.46
N LEU B 228 -4.66 -10.32 -13.89
CA LEU B 228 -4.38 -10.05 -15.30
C LEU B 228 -3.26 -10.94 -15.82
N TYR B 229 -2.26 -11.22 -14.98
CA TYR B 229 -1.16 -12.06 -15.43
C TYR B 229 -1.66 -13.45 -15.76
N SER B 230 -2.66 -13.93 -15.02
CA SER B 230 -3.16 -15.28 -15.22
C SER B 230 -4.21 -15.31 -16.34
N MET B 231 -4.84 -14.18 -16.60
CA MET B 231 -5.68 -14.02 -17.78
C MET B 231 -4.86 -14.14 -19.04
N LYS B 232 -3.70 -13.47 -19.01
CA LYS B 232 -2.74 -13.49 -20.09
C LYS B 232 -2.38 -14.91 -20.49
N CYS B 233 -1.90 -15.68 -19.51
CA CYS B 233 -1.47 -17.05 -19.75
C CYS B 233 -2.59 -17.91 -20.34
N LYS B 234 -3.81 -17.71 -19.85
CA LYS B 234 -4.94 -18.49 -20.33
C LYS B 234 -5.27 -18.16 -21.78
N ASN B 235 -4.81 -16.99 -22.24
CA ASN B 235 -4.94 -16.59 -23.64
C ASN B 235 -6.36 -16.76 -24.15
N VAL B 236 -7.30 -16.12 -23.46
CA VAL B 236 -8.71 -16.21 -23.82
C VAL B 236 -9.28 -14.80 -23.98
N VAL B 237 -8.95 -13.95 -23.02
CA VAL B 237 -9.21 -12.52 -23.11
C VAL B 237 -7.90 -11.85 -23.49
N PRO B 238 -7.75 -11.55 -24.79
CA PRO B 238 -6.48 -10.99 -25.26
C PRO B 238 -6.23 -9.64 -24.61
N LEU B 239 -4.97 -9.36 -24.30
CA LEU B 239 -4.62 -8.03 -23.81
C LEU B 239 -4.04 -7.24 -24.99
N SER B 240 -4.35 -5.94 -25.02
CA SER B 240 -3.81 -5.05 -26.04
C SER B 240 -2.29 -4.99 -25.92
N ASP B 241 -1.63 -4.40 -26.92
CA ASP B 241 -0.18 -4.40 -26.91
C ASP B 241 0.43 -3.55 -25.78
N LEU B 242 -0.20 -2.44 -25.43
CA LEU B 242 0.32 -1.62 -24.34
C LEU B 242 0.10 -2.29 -22.99
N LEU B 243 -1.10 -2.81 -22.78
CA LEU B 243 -1.42 -3.49 -21.52
C LEU B 243 -0.47 -4.66 -21.26
N LEU B 244 -0.10 -5.37 -22.31
CA LEU B 244 0.87 -6.46 -22.17
C LEU B 244 2.24 -5.94 -21.77
N GLU B 245 2.65 -4.79 -22.33
CA GLU B 245 3.93 -4.21 -22.00
C GLU B 245 3.96 -3.67 -20.57
N MET B 246 2.86 -3.05 -20.16
CA MET B 246 2.74 -2.49 -18.83
C MET B 246 2.63 -3.59 -17.79
N LEU B 247 2.00 -4.70 -18.18
CA LEU B 247 1.84 -5.84 -17.30
C LEU B 247 3.15 -6.62 -17.18
N ASP B 248 3.92 -6.66 -18.26
CA ASP B 248 5.21 -7.33 -18.24
C ASP B 248 6.19 -6.59 -17.36
N ALA B 249 5.99 -5.28 -17.24
CA ALA B 249 6.79 -4.44 -16.36
C ALA B 249 6.75 -4.93 -14.91
N HIS B 250 5.64 -5.55 -14.53
CA HIS B 250 5.44 -5.99 -13.15
C HIS B 250 5.87 -7.42 -12.90
N ARG B 251 6.49 -8.03 -13.91
CA ARG B 251 7.11 -9.34 -13.78
C ARG B 251 8.32 -9.35 -14.69
N LEU B 252 9.42 -8.81 -14.14
CA LEU B 252 10.71 -8.49 -14.80
C LEU B 252 10.75 -6.99 -15.10
N LYS C 3 -8.41 -22.99 13.59
CA LYS C 3 -7.25 -22.24 13.26
C LYS C 3 -6.35 -22.07 14.47
N ILE C 4 -5.09 -22.40 14.31
CA ILE C 4 -4.09 -22.15 15.35
C ILE C 4 -4.20 -20.71 15.82
N LEU C 5 -4.41 -19.80 14.88
CA LEU C 5 -4.53 -18.37 15.19
C LEU C 5 -5.55 -18.14 16.30
N HIS C 6 -6.69 -18.81 16.22
CA HIS C 6 -7.71 -18.67 17.25
C HIS C 6 -7.16 -19.00 18.64
N ARG C 7 -6.45 -20.15 18.74
CA ARG C 7 -5.91 -20.59 20.02
C ARG C 7 -4.98 -19.55 20.62
N LEU C 8 -4.04 -19.11 19.79
CA LEU C 8 -2.99 -18.22 20.21
C LEU C 8 -3.53 -16.88 20.67
N LEU C 9 -4.69 -16.51 20.13
CA LEU C 9 -5.33 -15.24 20.48
C LEU C 9 -6.15 -15.32 21.77
N GLN C 10 -6.75 -16.48 22.03
CA GLN C 10 -7.60 -16.65 23.21
C GLN C 10 -6.76 -16.84 24.46
N ASP C 11 -5.47 -17.06 24.24
CA ASP C 11 -4.55 -17.54 25.27
C ASP C 11 -3.68 -16.44 25.87
N LYS D 3 9.44 0.17 -27.01
CA LYS D 3 8.53 0.18 -25.87
C LYS D 3 7.46 1.26 -26.06
N ILE D 4 6.20 0.84 -26.08
CA ILE D 4 5.10 1.74 -26.42
C ILE D 4 4.98 2.93 -25.47
N LEU D 5 5.01 2.67 -24.16
CA LEU D 5 4.91 3.75 -23.17
C LEU D 5 6.02 4.79 -23.38
N HIS D 6 7.16 4.32 -23.87
CA HIS D 6 8.33 5.15 -24.07
C HIS D 6 8.08 6.21 -25.14
N ARG D 7 7.71 5.71 -26.31
CA ARG D 7 7.20 6.51 -27.40
C ARG D 7 6.22 7.54 -26.92
N LEU D 8 5.04 7.06 -26.53
CA LEU D 8 3.92 7.91 -26.15
C LEU D 8 4.34 9.04 -25.24
N LEU D 9 5.11 8.72 -24.20
CA LEU D 9 5.64 9.75 -23.33
C LEU D 9 6.46 10.78 -24.12
N GLN D 10 7.21 10.30 -25.11
CA GLN D 10 8.13 11.16 -25.87
C GLN D 10 7.45 12.27 -26.69
N ASP D 11 6.43 11.90 -27.47
CA ASP D 11 5.84 12.76 -28.52
C ASP D 11 5.89 14.27 -28.27
CL1 5G5 E . 12.71 -11.77 2.76
C01 5G5 E . 11.38 -12.41 2.45
C02 5G5 E . 11.13 -12.72 1.13
C03 5G5 E . 9.93 -13.28 0.78
C04 5G5 E . 8.99 -13.54 1.73
C05 5G5 E . 9.24 -13.23 3.03
C06 5G5 E . 10.43 -12.68 3.40
N01 5G5 E . 10.67 -12.35 4.64
C07 5G5 E . 10.34 -13.07 5.72
C08 5G5 E . 10.62 -12.51 6.96
C09 5G5 E . 10.77 -11.15 7.08
C10 5G5 E . 11.04 -10.57 8.32
C11 5G5 E . 11.16 -11.35 9.44
O01 5G5 E . 11.43 -10.81 10.61
C12 5G5 E . 11.00 -12.71 9.34
C13 5G5 E . 10.72 -13.27 8.10
C14 5G5 E . 9.89 -14.40 5.66
C15 5G5 E . 10.59 -15.35 4.99
C16 5G5 E . 10.18 -16.67 4.96
C17 5G5 E . 9.06 -17.05 5.62
O02 5G5 E . 8.66 -18.33 5.60
C18 5G5 E . 8.35 -16.11 6.31
C19 5G5 E . 8.78 -14.81 6.33
CL1 5G5 F . -12.11 -4.85 -12.16
C01 5G5 F . -10.63 -5.35 -12.44
C02 5G5 F . -10.26 -6.58 -11.99
C03 5G5 F . -9.00 -7.09 -12.19
C04 5G5 F . -8.06 -6.37 -12.84
C05 5G5 F . -8.43 -5.13 -13.31
C06 5G5 F . -9.69 -4.64 -13.13
N01 5G5 F . -10.00 -3.43 -13.54
C07 5G5 F . -9.64 -2.91 -14.71
C08 5G5 F . -9.98 -1.57 -14.92
C09 5G5 F . -10.17 -1.06 -16.18
C10 5G5 F . -10.52 0.27 -16.37
C11 5G5 F . -10.71 1.09 -15.30
O01 5G5 F . -11.06 2.36 -15.48
C12 5G5 F . -10.52 0.58 -14.05
C13 5G5 F . -10.18 -0.73 -13.86
C14 5G5 F . -9.09 -3.65 -15.77
C15 5G5 F . -7.95 -3.20 -16.36
C16 5G5 F . -7.37 -3.88 -17.40
C17 5G5 F . -7.95 -5.01 -17.86
O02 5G5 F . -7.39 -5.64 -18.87
C18 5G5 F . -9.10 -5.49 -17.28
C19 5G5 F . -9.66 -4.80 -16.24
#